data_7KP2
#
_entry.id   7KP2
#
_cell.length_a   33.488
_cell.length_b   54.616
_cell.length_c   33.448
_cell.angle_alpha   90.000
_cell.angle_beta   91.500
_cell.angle_gamma   90.000
#
_symmetry.space_group_name_H-M   'P 1 21 1'
#
loop_
_entity.id
_entity.type
_entity.pdbx_description
1 polymer 'Putative Pterin Binding Protein'
2 non-polymer L-NEOPTERIN
3 water water
#
_entity_poly.entity_id   1
_entity_poly.type   'polypeptide(L)'
_entity_poly.pdbx_seq_one_letter_code
;SNAQEPILTITHQGQTVSATYQELLARSDLTIVTETPWTQGNTEFKGISAQALLAW(MSE)GVKQADLKVIALNKYWAEI
PYSDIEKYNPVFAIQNNGKP(MSE)QIRDRGPIWSIYPLSSSGELDNEILHSR(MSE)VWQISSIEIITP
;
_entity_poly.pdbx_strand_id   A
#
# COMPACT_ATOMS: atom_id res chain seq x y z
N SER A 1 -19.24 -2.51 -5.87
CA SER A 1 -18.36 -1.33 -6.00
C SER A 1 -17.94 -1.20 -7.45
N ASN A 2 -17.09 -0.19 -7.75
N ASN A 2 -17.00 -0.29 -7.72
CA ASN A 2 -16.59 0.04 -9.08
CA ASN A 2 -16.47 -0.13 -9.06
C ASN A 2 -15.29 0.82 -8.99
C ASN A 2 -15.18 0.66 -8.96
N ALA A 3 -14.59 0.92 -10.13
N ALA A 3 -14.57 0.92 -10.12
CA ALA A 3 -13.27 1.52 -10.19
CA ALA A 3 -13.26 1.54 -10.18
C ALA A 3 -13.26 2.99 -9.75
C ALA A 3 -13.28 3.02 -9.81
N GLN A 4 -14.43 3.63 -9.70
N GLN A 4 -14.47 3.64 -9.76
CA GLN A 4 -14.48 5.05 -9.35
CA GLN A 4 -14.54 5.06 -9.48
C GLN A 4 -14.93 5.27 -7.92
C GLN A 4 -15.06 5.34 -8.07
N GLU A 5 -15.16 4.21 -7.15
N GLU A 5 -14.98 4.34 -7.17
CA GLU A 5 -15.52 4.42 -5.76
CA GLU A 5 -15.41 4.52 -5.79
C GLU A 5 -14.27 4.73 -4.95
C GLU A 5 -14.21 4.73 -4.86
N PRO A 6 -14.34 5.62 -3.94
N PRO A 6 -14.29 5.65 -3.90
CA PRO A 6 -13.18 5.86 -3.08
CA PRO A 6 -13.19 5.92 -2.98
C PRO A 6 -12.88 4.59 -2.27
C PRO A 6 -12.86 4.71 -2.11
N ILE A 7 -11.58 4.31 -2.13
CA ILE A 7 -11.11 3.16 -1.36
C ILE A 7 -9.94 3.50 -0.44
N LEU A 8 -9.41 4.71 -0.52
CA LEU A 8 -8.27 5.05 0.29
C LEU A 8 -8.34 6.50 0.71
N THR A 9 -7.93 6.76 1.96
N THR A 9 -8.00 6.75 1.99
CA THR A 9 -7.76 8.12 2.43
CA THR A 9 -7.77 8.12 2.43
C THR A 9 -6.30 8.30 2.83
C THR A 9 -6.26 8.26 2.65
N ILE A 10 -5.69 9.38 2.34
N ILE A 10 -5.76 9.44 2.29
CA ILE A 10 -4.34 9.73 2.71
CA ILE A 10 -4.37 9.79 2.46
C ILE A 10 -4.42 11.03 3.50
C ILE A 10 -4.33 11.08 3.27
N THR A 11 -3.73 11.07 4.65
N THR A 11 -3.70 11.03 4.45
CA THR A 11 -3.71 12.27 5.46
CA THR A 11 -3.63 12.18 5.34
C THR A 11 -2.26 12.78 5.53
C THR A 11 -2.21 12.75 5.33
N HIS A 12 -2.13 14.08 5.24
CA HIS A 12 -0.84 14.77 5.21
C HIS A 12 -1.07 16.20 5.65
N GLN A 13 -0.33 16.62 6.68
CA GLN A 13 -0.38 17.97 7.24
C GLN A 13 -1.82 18.36 7.60
N GLY A 14 -2.54 17.44 8.25
CA GLY A 14 -3.88 17.72 8.74
C GLY A 14 -4.94 17.78 7.64
N GLN A 15 -4.57 17.41 6.42
CA GLN A 15 -5.50 17.41 5.30
C GLN A 15 -5.70 15.97 4.84
N THR A 16 -6.95 15.64 4.48
N THR A 16 -6.95 15.60 4.50
CA THR A 16 -7.31 14.31 4.03
CA THR A 16 -7.23 14.24 4.04
C THR A 16 -7.67 14.37 2.55
C THR A 16 -7.73 14.29 2.61
N VAL A 17 -7.17 13.39 1.79
CA VAL A 17 -7.47 13.25 0.37
C VAL A 17 -7.98 11.84 0.15
N SER A 18 -8.92 11.67 -0.78
CA SER A 18 -9.52 10.39 -1.09
C SER A 18 -9.05 9.94 -2.46
N ALA A 19 -8.89 8.62 -2.65
CA ALA A 19 -8.48 8.10 -3.94
C ALA A 19 -9.31 6.86 -4.31
N THR A 20 -9.58 6.74 -5.61
CA THR A 20 -10.29 5.60 -6.17
C THR A 20 -9.30 4.63 -6.80
N TYR A 21 -9.79 3.43 -7.14
CA TYR A 21 -8.96 2.47 -7.87
C TYR A 21 -8.45 3.08 -9.18
N GLN A 22 -9.36 3.71 -9.91
N GLN A 22 -9.31 3.77 -9.92
CA GLN A 22 -9.04 4.32 -11.19
CA GLN A 22 -8.86 4.33 -11.19
C GLN A 22 -7.87 5.30 -11.06
C GLN A 22 -7.70 5.31 -10.99
N GLU A 23 -7.91 6.10 -10.00
N GLU A 23 -7.83 6.19 -9.98
CA GLU A 23 -6.90 7.11 -9.74
CA GLU A 23 -6.83 7.20 -9.71
C GLU A 23 -5.57 6.45 -9.39
C GLU A 23 -5.52 6.53 -9.28
N LEU A 24 -5.61 5.47 -8.48
CA LEU A 24 -4.41 4.78 -8.05
C LEU A 24 -3.77 4.03 -9.22
N LEU A 25 -4.61 3.45 -10.10
CA LEU A 25 -4.05 2.72 -11.23
C LEU A 25 -3.35 3.69 -12.17
N ALA A 26 -3.91 4.88 -12.35
CA ALA A 26 -3.29 5.87 -13.22
C ALA A 26 -1.92 6.29 -12.69
N ARG A 27 -1.71 6.16 -11.37
CA ARG A 27 -0.47 6.50 -10.71
C ARG A 27 0.35 5.26 -10.36
N SER A 28 0.00 4.10 -10.91
CA SER A 28 0.71 2.87 -10.58
C SER A 28 1.99 2.77 -11.38
N ASP A 29 3.11 2.91 -10.68
CA ASP A 29 4.44 2.96 -11.27
C ASP A 29 5.23 1.66 -11.09
N LEU A 30 4.73 0.72 -10.28
CA LEU A 30 5.56 -0.40 -9.88
C LEU A 30 4.81 -1.71 -9.84
N THR A 31 5.46 -2.73 -10.41
CA THR A 31 5.05 -4.11 -10.26
C THR A 31 6.15 -4.82 -9.48
N ILE A 32 5.75 -5.51 -8.39
CA ILE A 32 6.65 -6.36 -7.64
C ILE A 32 6.22 -7.80 -7.85
N VAL A 33 7.17 -8.65 -8.27
CA VAL A 33 6.95 -10.08 -8.38
C VAL A 33 7.60 -10.72 -7.17
N THR A 34 6.82 -11.38 -6.32
CA THR A 34 7.39 -11.94 -5.11
C THR A 34 6.56 -13.10 -4.57
N GLU A 35 7.27 -13.95 -3.83
CA GLU A 35 6.66 -14.90 -2.93
C GLU A 35 6.23 -14.13 -1.67
N THR A 36 5.27 -14.68 -0.94
CA THR A 36 4.89 -14.13 0.36
C THR A 36 4.63 -15.31 1.29
N PRO A 37 4.62 -15.09 2.61
CA PRO A 37 4.32 -16.15 3.53
C PRO A 37 2.88 -16.65 3.47
N TRP A 38 2.00 -16.00 2.69
CA TRP A 38 0.59 -16.33 2.68
C TRP A 38 0.07 -16.69 1.29
N THR A 39 0.98 -16.89 0.33
CA THR A 39 0.63 -17.20 -1.05
C THR A 39 1.53 -18.31 -1.57
N GLN A 40 1.11 -18.91 -2.69
CA GLN A 40 1.86 -19.99 -3.32
C GLN A 40 2.63 -19.45 -4.51
N GLY A 41 3.93 -19.76 -4.58
CA GLY A 41 4.78 -19.36 -5.68
C GLY A 41 4.91 -17.85 -5.78
N ASN A 42 5.21 -17.36 -6.99
CA ASN A 42 5.37 -15.96 -7.26
C ASN A 42 4.04 -15.36 -7.69
N THR A 43 3.78 -14.15 -7.19
CA THR A 43 2.62 -13.38 -7.57
C THR A 43 3.09 -12.02 -8.05
N GLU A 44 2.40 -11.49 -9.06
CA GLU A 44 2.69 -10.18 -9.61
C GLU A 44 1.74 -9.15 -8.99
N PHE A 45 2.29 -8.19 -8.24
CA PHE A 45 1.51 -7.18 -7.55
C PHE A 45 1.81 -5.80 -8.13
N LYS A 46 0.79 -5.13 -8.66
N LYS A 46 0.79 -5.12 -8.64
CA LYS A 46 0.95 -3.83 -9.30
CA LYS A 46 0.98 -3.83 -9.26
C LYS A 46 0.22 -2.76 -8.51
C LYS A 46 0.23 -2.75 -8.50
N GLY A 47 0.86 -1.60 -8.35
CA GLY A 47 0.22 -0.47 -7.70
C GLY A 47 1.15 0.73 -7.64
N ILE A 48 0.88 1.58 -6.64
CA ILE A 48 1.63 2.80 -6.46
C ILE A 48 2.71 2.56 -5.41
N SER A 49 3.97 2.85 -5.78
CA SER A 49 5.05 2.64 -4.83
C SER A 49 4.97 3.66 -3.69
N ALA A 50 5.58 3.29 -2.57
CA ALA A 50 5.67 4.22 -1.46
C ALA A 50 6.37 5.51 -1.89
N GLN A 51 7.44 5.42 -2.68
CA GLN A 51 8.13 6.61 -3.12
C GLN A 51 7.22 7.48 -3.99
N ALA A 52 6.44 6.83 -4.86
N ALA A 52 6.43 6.88 -4.89
CA ALA A 52 5.52 7.54 -5.76
CA ALA A 52 5.56 7.68 -5.72
C ALA A 52 4.42 8.23 -4.97
C ALA A 52 4.45 8.31 -4.89
N LEU A 53 3.94 7.58 -3.89
N LEU A 53 4.02 7.63 -3.82
CA LEU A 53 2.87 8.16 -3.10
CA LEU A 53 3.02 8.20 -2.94
C LEU A 53 3.38 9.38 -2.34
C LEU A 53 3.60 9.44 -2.26
N LEU A 54 4.61 9.30 -1.82
N LEU A 54 4.81 9.32 -1.72
CA LEU A 54 5.18 10.46 -1.15
CA LEU A 54 5.44 10.48 -1.09
C LEU A 54 5.37 11.60 -2.15
C LEU A 54 5.56 11.62 -2.09
N ALA A 55 5.93 11.31 -3.33
CA ALA A 55 6.14 12.33 -4.35
C ALA A 55 4.81 13.03 -4.68
N TRP A 56 3.75 12.26 -4.84
CA TRP A 56 2.42 12.78 -5.11
C TRP A 56 2.02 13.79 -4.04
N GLY A 58 3.98 15.48 -2.15
CA GLY A 58 4.95 16.56 -2.01
C GLY A 58 5.90 16.42 -0.83
N VAL A 59 6.36 15.19 -0.60
CA VAL A 59 7.24 14.84 0.49
C VAL A 59 8.37 13.98 -0.07
N LYS A 60 9.59 14.10 0.47
CA LYS A 60 10.65 13.19 0.10
C LYS A 60 10.87 12.19 1.23
N GLN A 61 11.11 12.68 2.46
CA GLN A 61 11.37 11.82 3.59
C GLN A 61 10.19 11.83 4.55
N ALA A 62 9.64 10.64 4.81
CA ALA A 62 8.55 10.49 5.77
C ALA A 62 8.34 9.01 6.05
N ASP A 63 7.65 8.73 7.15
CA ASP A 63 7.18 7.39 7.45
C ASP A 63 5.70 7.34 7.06
N LEU A 64 5.18 6.12 6.91
N LEU A 64 5.17 6.12 6.86
CA LEU A 64 3.78 5.91 6.57
CA LEU A 64 3.77 5.93 6.47
C LEU A 64 3.11 5.09 7.65
C LEU A 64 3.05 5.01 7.45
N LYS A 65 1.95 5.56 8.13
N LYS A 65 2.07 5.56 8.16
CA LYS A 65 1.17 4.81 9.09
CA LYS A 65 1.24 4.76 9.05
C LYS A 65 -0.04 4.23 8.34
C LYS A 65 0.08 4.24 8.23
N VAL A 66 -0.05 2.91 8.19
CA VAL A 66 -1.00 2.23 7.33
C VAL A 66 -2.01 1.48 8.18
N ILE A 67 -3.30 1.76 7.96
CA ILE A 67 -4.38 1.15 8.72
C ILE A 67 -5.28 0.35 7.79
N ALA A 68 -5.68 -0.84 8.25
CA ALA A 68 -6.51 -1.75 7.49
C ALA A 68 -7.96 -1.75 7.96
N LEU A 69 -8.83 -2.31 7.10
N LEU A 69 -8.83 -2.33 7.11
CA LEU A 69 -10.26 -2.42 7.38
CA LEU A 69 -10.25 -2.48 7.38
C LEU A 69 -10.52 -3.09 8.73
C LEU A 69 -10.48 -3.47 8.51
N ASN A 70 -9.71 -4.11 9.07
N ASN A 70 -9.54 -4.40 8.69
CA ASN A 70 -9.88 -4.88 10.29
CA ASN A 70 -9.58 -5.48 9.66
C ASN A 70 -9.13 -4.24 11.47
C ASN A 70 -8.95 -5.05 11.00
N LYS A 71 -8.56 -3.04 11.26
N LYS A 71 -8.61 -3.77 11.12
CA LYS A 71 -7.96 -2.25 12.33
CA LYS A 71 -8.16 -3.16 12.36
C LYS A 71 -6.51 -2.61 12.61
C LYS A 71 -6.66 -3.31 12.63
N TYR A 72 -5.98 -3.65 11.96
N TYR A 72 -5.95 -4.08 11.81
CA TYR A 72 -4.56 -3.89 12.03
CA TYR A 72 -4.51 -4.12 11.92
C TYR A 72 -3.89 -2.63 11.49
C TYR A 72 -3.95 -2.79 11.43
N TRP A 73 -2.70 -2.32 11.99
N TRP A 73 -2.73 -2.46 11.84
CA TRP A 73 -1.98 -1.17 11.47
CA TRP A 73 -2.02 -1.30 11.34
C TRP A 73 -0.49 -1.43 11.63
C TRP A 73 -0.53 -1.53 11.51
N ALA A 74 0.30 -0.78 10.77
N ALA A 74 0.26 -0.80 10.70
CA ALA A 74 1.74 -0.86 10.86
CA ALA A 74 1.70 -0.85 10.81
C ALA A 74 2.33 0.39 10.22
C ALA A 74 2.30 0.44 10.31
N GLU A 75 3.45 0.84 10.77
N GLU A 75 3.51 0.73 10.79
CA GLU A 75 4.18 1.97 10.21
CA GLU A 75 4.30 1.82 10.27
C GLU A 75 5.33 1.46 9.35
C GLU A 75 5.28 1.27 9.24
N ILE A 76 5.39 1.97 8.10
CA ILE A 76 6.44 1.69 7.14
C ILE A 76 7.44 2.83 7.28
N PRO A 77 8.67 2.57 7.80
CA PRO A 77 9.62 3.65 8.04
C PRO A 77 10.26 4.11 6.74
N TYR A 78 10.75 5.35 6.74
CA TYR A 78 11.40 5.89 5.57
C TYR A 78 12.56 4.99 5.10
N SER A 79 13.31 4.42 6.04
CA SER A 79 14.43 3.57 5.65
C SER A 79 13.97 2.42 4.75
N ASP A 80 12.78 1.85 5.03
CA ASP A 80 12.24 0.80 4.18
C ASP A 80 11.80 1.36 2.83
N ILE A 81 11.26 2.57 2.83
CA ILE A 81 10.83 3.20 1.58
C ILE A 81 12.04 3.38 0.66
N GLU A 82 13.17 3.82 1.22
CA GLU A 82 14.37 4.01 0.45
C GLU A 82 14.96 2.69 -0.04
N LYS A 83 15.05 1.69 0.86
N LYS A 83 15.04 1.71 0.86
CA LYS A 83 15.76 0.45 0.55
CA LYS A 83 15.74 0.47 0.56
C LYS A 83 14.94 -0.56 -0.24
C LYS A 83 14.91 -0.44 -0.34
N TYR A 84 13.64 -0.63 0.04
CA TYR A 84 12.78 -1.64 -0.58
C TYR A 84 11.71 -1.08 -1.51
N ASN A 85 11.32 0.19 -1.31
CA ASN A 85 10.25 0.83 -2.06
C ASN A 85 9.05 -0.11 -2.20
N PRO A 86 8.37 -0.47 -1.10
N PRO A 86 8.39 -0.46 -1.08
CA PRO A 86 7.25 -1.38 -1.18
CA PRO A 86 7.20 -1.30 -1.14
C PRO A 86 6.11 -0.72 -1.95
C PRO A 86 6.14 -0.70 -2.05
N VAL A 87 5.29 -1.56 -2.58
CA VAL A 87 4.18 -1.11 -3.41
C VAL A 87 2.86 -1.24 -2.65
N PHE A 88 2.02 -0.23 -2.81
CA PHE A 88 0.62 -0.31 -2.39
C PHE A 88 -0.13 -0.92 -3.57
N ALA A 89 -0.21 -2.24 -3.54
CA ALA A 89 -0.75 -2.99 -4.66
C ALA A 89 -2.26 -2.84 -4.73
N ILE A 90 -2.77 -2.63 -5.96
CA ILE A 90 -4.20 -2.62 -6.25
C ILE A 90 -4.56 -3.74 -7.21
N GLN A 91 -3.56 -4.45 -7.76
CA GLN A 91 -3.81 -5.61 -8.60
C GLN A 91 -2.97 -6.77 -8.11
N ASN A 92 -3.57 -7.96 -8.26
CA ASN A 92 -2.96 -9.25 -8.00
C ASN A 92 -3.09 -10.01 -9.31
N ASN A 93 -1.95 -10.27 -9.98
CA ASN A 93 -1.90 -10.91 -11.28
C ASN A 93 -2.83 -10.17 -12.25
N GLY A 94 -2.80 -8.84 -12.19
CA GLY A 94 -3.44 -7.99 -13.17
C GLY A 94 -4.91 -7.68 -12.92
N LYS A 95 -5.48 -8.20 -11.83
CA LYS A 95 -6.88 -7.93 -11.58
C LYS A 95 -7.08 -7.31 -10.21
N PRO A 96 -8.15 -6.50 -10.03
N PRO A 96 -8.17 -6.53 -10.03
CA PRO A 96 -8.42 -5.91 -8.73
CA PRO A 96 -8.45 -5.91 -8.74
C PRO A 96 -8.58 -7.00 -7.69
C PRO A 96 -8.72 -6.97 -7.68
N GLN A 98 -10.73 -8.23 -4.40
CA GLN A 98 -11.94 -8.13 -3.61
C GLN A 98 -11.53 -8.01 -2.14
N ILE A 99 -12.37 -7.36 -1.32
CA ILE A 99 -12.07 -7.30 0.10
C ILE A 99 -11.82 -8.72 0.64
N ARG A 100 -12.57 -9.72 0.17
CA ARG A 100 -12.40 -11.07 0.71
C ARG A 100 -11.07 -11.69 0.26
N ASP A 101 -10.41 -11.06 -0.72
CA ASP A 101 -9.12 -11.54 -1.20
C ASP A 101 -8.00 -10.51 -0.93
N ARG A 102 -8.03 -9.93 0.28
N ARG A 102 -8.01 -9.92 0.28
CA ARG A 102 -7.02 -9.01 0.81
CA ARG A 102 -6.96 -9.03 0.77
C ARG A 102 -7.04 -7.63 0.19
C ARG A 102 -7.04 -7.62 0.18
N GLY A 103 -8.11 -7.32 -0.57
CA GLY A 103 -8.23 -6.04 -1.20
C GLY A 103 -8.88 -4.99 -0.29
N PRO A 104 -9.00 -3.75 -0.78
CA PRO A 104 -8.65 -3.40 -2.16
C PRO A 104 -7.19 -3.03 -2.42
N ILE A 105 -6.43 -2.85 -1.35
CA ILE A 105 -5.04 -2.41 -1.41
C ILE A 105 -4.24 -3.24 -0.42
N TRP A 106 -3.05 -3.68 -0.83
CA TRP A 106 -2.20 -4.51 0.02
C TRP A 106 -0.76 -4.04 -0.16
N SER A 107 -0.08 -3.65 0.94
CA SER A 107 1.32 -3.27 0.85
C SER A 107 2.18 -4.53 0.72
N ILE A 108 3.07 -4.49 -0.27
CA ILE A 108 3.88 -5.63 -0.66
C ILE A 108 5.34 -5.19 -0.77
N TYR A 109 6.23 -5.95 -0.11
CA TYR A 109 7.66 -5.76 -0.21
C TYR A 109 8.23 -6.75 -1.22
N PRO A 110 9.40 -6.42 -1.83
CA PRO A 110 10.07 -7.31 -2.77
C PRO A 110 10.86 -8.38 -2.03
N LEU A 111 10.13 -9.29 -1.36
CA LEU A 111 10.78 -10.28 -0.50
C LEU A 111 11.69 -11.19 -1.32
N SER A 112 11.22 -11.70 -2.46
CA SER A 112 12.01 -12.67 -3.21
C SER A 112 13.32 -12.07 -3.72
N SER A 113 13.24 -10.90 -4.37
CA SER A 113 14.42 -10.33 -4.99
C SER A 113 15.42 -9.77 -3.98
N SER A 114 14.96 -9.55 -2.73
N SER A 114 14.94 -9.56 -2.73
CA SER A 114 15.81 -9.01 -1.69
CA SER A 114 15.76 -9.01 -1.66
C SER A 114 16.27 -10.09 -0.71
C SER A 114 16.32 -10.10 -0.74
N GLY A 115 15.85 -11.34 -0.91
CA GLY A 115 16.24 -12.43 -0.04
C GLY A 115 15.63 -12.33 1.36
N GLU A 116 14.42 -11.73 1.45
CA GLU A 116 13.79 -11.45 2.73
C GLU A 116 12.49 -12.24 2.94
N LEU A 117 12.33 -13.40 2.27
CA LEU A 117 11.07 -14.13 2.39
C LEU A 117 10.78 -14.53 3.84
N ASP A 118 11.80 -14.75 4.67
CA ASP A 118 11.54 -15.17 6.04
C ASP A 118 11.60 -14.01 7.05
N ASN A 119 11.65 -12.76 6.59
CA ASN A 119 11.80 -11.61 7.47
C ASN A 119 10.45 -11.20 8.08
N GLU A 120 10.23 -11.54 9.35
CA GLU A 120 8.96 -11.29 10.01
C GLU A 120 8.68 -9.79 10.19
N ILE A 121 9.73 -8.97 10.29
CA ILE A 121 9.53 -7.53 10.41
C ILE A 121 8.88 -7.00 9.13
N LEU A 122 9.39 -7.41 7.97
CA LEU A 122 8.79 -6.95 6.73
C LEU A 122 7.39 -7.54 6.57
N HIS A 123 7.19 -8.80 6.98
CA HIS A 123 5.84 -9.35 6.88
C HIS A 123 4.85 -8.47 7.62
N SER A 124 5.26 -7.96 8.79
N SER A 124 5.22 -7.99 8.81
CA SER A 124 4.37 -7.19 9.66
CA SER A 124 4.29 -7.20 9.61
C SER A 124 3.96 -5.84 9.02
C SER A 124 3.86 -5.91 8.92
N ARG A 125 4.69 -5.43 7.98
CA ARG A 125 4.46 -4.17 7.27
C ARG A 125 3.75 -4.39 5.92
N VAL A 127 0.52 -4.95 4.88
CA VAL A 127 -0.82 -4.79 5.40
C VAL A 127 -1.83 -5.00 4.28
N TRP A 128 -2.72 -5.97 4.43
CA TRP A 128 -3.79 -6.16 3.47
C TRP A 128 -5.03 -5.39 3.90
N GLN A 129 -5.96 -5.24 2.95
N GLN A 129 -5.99 -5.25 2.99
CA GLN A 129 -7.22 -4.53 3.16
CA GLN A 129 -7.24 -4.54 3.27
C GLN A 129 -6.98 -3.13 3.71
C GLN A 129 -6.96 -3.11 3.74
N ILE A 130 -6.03 -2.41 3.10
CA ILE A 130 -5.71 -1.06 3.53
C ILE A 130 -6.90 -0.13 3.30
N SER A 131 -7.11 0.77 4.26
N SER A 131 -7.13 0.71 4.32
CA SER A 131 -8.15 1.80 4.14
CA SER A 131 -8.15 1.74 4.34
C SER A 131 -7.59 3.21 4.30
C SER A 131 -7.56 3.15 4.30
N SER A 132 -6.49 3.39 5.06
CA SER A 132 -5.93 4.72 5.17
C SER A 132 -4.43 4.68 5.33
N ILE A 133 -3.80 5.76 4.87
CA ILE A 133 -2.37 5.96 4.97
C ILE A 133 -2.14 7.37 5.49
N GLU A 134 -1.33 7.50 6.52
CA GLU A 134 -0.98 8.81 7.05
C GLU A 134 0.51 9.03 6.87
N ILE A 135 0.85 10.20 6.32
N ILE A 135 0.85 10.20 6.30
CA ILE A 135 2.25 10.56 6.13
CA ILE A 135 2.22 10.64 6.13
C ILE A 135 2.74 11.24 7.40
C ILE A 135 2.69 11.22 7.46
N ILE A 136 3.78 10.65 8.01
CA ILE A 136 4.37 11.11 9.26
C ILE A 136 5.71 11.76 8.94
N THR A 137 5.78 13.09 9.06
CA THR A 137 7.02 13.78 8.71
C THR A 137 7.85 14.00 9.98
N PRO A 138 9.19 14.07 9.84
CA PRO A 138 10.08 14.30 10.99
C PRO A 138 9.68 15.53 11.82
#